data_3R3F
#
_entry.id   3R3F
#
_cell.length_a   112.400
_cell.length_b   112.400
_cell.length_c   60.400
_cell.angle_alpha   90.00
_cell.angle_beta   90.00
_cell.angle_gamma   120.00
#
_symmetry.space_group_name_H-M   'P 32 2 1'
#
loop_
_entity.id
_entity.type
_entity.pdbx_description
1 polymer '4-hydroxybenzoyl-CoA thioesterase'
2 non-polymer '4-HYDROXYPHENACYL COENZYME A'
3 water water
#
_entity_poly.entity_id   1
_entity_poly.type   'polypeptide(L)'
_entity_poly.pdbx_seq_one_letter_code
;MHRTSNGSHATGGNLPDVASHYPVAYEQTLDGTVGFVIDEMTPERATASVEVTDTLRQRWGLVHGGAYCALAEMLAAEAT
VAVVHEKGMMAVGQSNHTSFFRPVKEGHVRAEAVRIHAGSTTWFWDVSLRDDAGRLCAVSSMSIAVRPRRD
;
_entity_poly.pdbx_strand_id   A,B
#
loop_
_chem_comp.id
_chem_comp.type
_chem_comp.name
_chem_comp.formula
4CO non-polymer '4-HYDROXYPHENACYL COENZYME A' 'C29 H42 N7 O18 P3 S'
#
# COMPACT_ATOMS: atom_id res chain seq x y z
N GLY A 12 17.51 10.57 5.12
CA GLY A 12 17.14 10.80 3.68
C GLY A 12 15.68 11.22 3.66
N GLY A 13 14.86 10.43 4.34
CA GLY A 13 13.46 10.78 4.47
C GLY A 13 13.25 11.08 5.94
N ASN A 14 14.36 11.31 6.66
CA ASN A 14 14.29 11.67 8.06
C ASN A 14 13.71 10.56 8.96
N LEU A 15 13.87 9.31 8.53
CA LEU A 15 13.50 8.18 9.34
C LEU A 15 14.42 8.09 10.56
N PRO A 16 13.92 7.48 11.64
CA PRO A 16 14.70 7.49 12.87
C PRO A 16 16.06 6.83 12.74
N ASP A 17 17.07 7.50 13.27
CA ASP A 17 18.39 6.90 13.22
C ASP A 17 18.69 5.98 14.40
N VAL A 18 18.48 4.69 14.22
CA VAL A 18 18.53 3.76 15.34
C VAL A 18 19.62 2.75 15.08
N ALA A 19 20.20 2.78 13.87
CA ALA A 19 21.28 1.84 13.57
C ALA A 19 22.38 2.55 12.79
N SER A 20 23.57 1.96 12.80
CA SER A 20 24.69 2.59 12.09
C SER A 20 24.63 2.32 10.58
N HIS A 21 24.07 1.18 10.18
CA HIS A 21 23.83 0.91 8.76
C HIS A 21 22.48 0.22 8.53
N TYR A 22 21.92 0.40 7.34
CA TYR A 22 20.69 -0.31 6.94
C TYR A 22 20.83 -1.14 5.66
N PRO A 23 20.07 -2.23 5.58
CA PRO A 23 20.20 -3.05 4.38
C PRO A 23 20.02 -2.28 3.07
N VAL A 24 19.05 -1.36 3.03
CA VAL A 24 18.75 -0.70 1.76
C VAL A 24 18.72 0.80 1.98
N ALA A 25 19.39 1.51 1.09
CA ALA A 25 19.50 2.96 1.24
C ALA A 25 18.18 3.66 0.96
N TYR A 26 17.93 4.79 1.61
CA TYR A 26 16.63 5.47 1.52
C TYR A 26 16.16 5.68 0.08
N GLU A 27 17.07 6.16 -0.77
CA GLU A 27 16.70 6.64 -2.09
C GLU A 27 16.34 5.45 -2.97
N GLN A 28 16.79 4.25 -2.61
CA GLN A 28 16.49 3.03 -3.37
C GLN A 28 15.22 2.27 -2.91
N THR A 29 14.73 2.61 -1.71
CA THR A 29 13.54 1.93 -1.16
C THR A 29 12.24 2.39 -1.85
N LEU A 30 11.15 1.67 -1.67
CA LEU A 30 9.85 2.24 -2.05
C LEU A 30 9.66 3.65 -1.53
N ASP A 31 9.93 3.87 -0.24
CA ASP A 31 9.67 5.14 0.42
C ASP A 31 10.47 6.26 -0.22
N GLY A 32 11.75 6.00 -0.49
CA GLY A 32 12.54 7.03 -1.20
C GLY A 32 12.11 7.22 -2.64
N THR A 33 11.70 6.14 -3.31
CA THR A 33 11.26 6.27 -4.67
C THR A 33 10.01 7.13 -4.83
N VAL A 34 9.05 7.04 -3.92
CA VAL A 34 7.83 7.82 -4.07
C VAL A 34 8.00 9.14 -3.33
N GLY A 35 8.98 9.21 -2.44
CA GLY A 35 9.31 10.48 -1.76
C GLY A 35 8.71 10.79 -0.39
N PHE A 36 8.48 9.75 0.40
CA PHE A 36 7.93 9.95 1.75
C PHE A 36 8.98 10.64 2.63
N VAL A 37 8.53 11.62 3.40
CA VAL A 37 9.40 12.33 4.32
C VAL A 37 8.75 12.45 5.70
N ILE A 38 9.45 12.05 6.75
CA ILE A 38 8.93 12.16 8.11
C ILE A 38 9.16 13.58 8.62
N ASP A 39 8.11 14.23 9.12
CA ASP A 39 8.28 15.52 9.77
C ASP A 39 8.47 15.38 11.28
N GLU A 40 7.41 15.22 12.07
CA GLU A 40 7.59 15.04 13.51
C GLU A 40 7.60 13.59 13.93
N MET A 41 8.33 13.28 15.00
CA MET A 41 8.40 11.92 15.45
C MET A 41 8.55 11.89 16.98
N THR A 42 7.50 11.46 17.68
CA THR A 42 7.53 11.21 19.12
C THR A 42 6.97 9.83 19.45
N PRO A 43 7.13 9.39 20.70
CA PRO A 43 6.70 8.04 21.00
C PRO A 43 5.19 7.88 20.83
N GLU A 44 4.42 8.96 20.97
CA GLU A 44 2.97 8.87 20.81
C GLU A 44 2.36 9.48 19.56
N ARG A 45 3.17 10.10 18.72
CA ARG A 45 2.60 10.78 17.57
C ARG A 45 3.72 10.98 16.56
N ALA A 46 3.41 10.91 15.27
CA ALA A 46 4.41 11.14 14.21
C ALA A 46 3.67 11.67 13.01
N THR A 47 4.36 12.46 12.18
CA THR A 47 3.77 12.96 10.96
C THR A 47 4.75 12.73 9.81
N ALA A 48 4.24 12.69 8.58
CA ALA A 48 5.04 12.52 7.39
C ALA A 48 4.23 13.11 6.24
N SER A 49 4.86 13.38 5.12
CA SER A 49 4.11 13.91 3.99
C SER A 49 4.81 13.45 2.71
N VAL A 50 4.11 13.60 1.58
CA VAL A 50 4.69 13.25 0.31
C VAL A 50 4.07 14.19 -0.71
N GLU A 51 4.92 14.67 -1.62
CA GLU A 51 4.41 15.40 -2.79
C GLU A 51 3.84 14.46 -3.83
N VAL A 52 2.63 14.78 -4.29
CA VAL A 52 1.99 13.88 -5.26
C VAL A 52 2.68 14.08 -6.64
N THR A 53 3.14 13.01 -7.28
CA THR A 53 3.65 13.09 -8.66
C THR A 53 3.08 11.85 -9.31
N ASP A 54 3.34 11.60 -10.60
CA ASP A 54 2.73 10.43 -11.24
C ASP A 54 3.14 9.10 -10.55
N THR A 55 4.35 9.11 -10.02
CA THR A 55 4.93 7.96 -9.31
C THR A 55 4.04 7.46 -8.15
N LEU A 56 3.29 8.38 -7.59
CA LEU A 56 2.32 8.11 -6.54
C LEU A 56 0.96 7.77 -7.09
N ARG A 57 0.71 7.96 -8.39
CA ARG A 57 -0.66 7.82 -8.90
C ARG A 57 -0.88 6.48 -9.55
N GLN A 58 -2.13 6.15 -9.83
CA GLN A 58 -2.46 5.03 -10.70
C GLN A 58 -2.86 5.62 -12.06
N ARG A 59 -3.22 4.74 -12.99
CA ARG A 59 -3.35 5.17 -14.39
C ARG A 59 -4.54 6.10 -14.61
N TRP A 60 -5.48 6.18 -13.66
CA TRP A 60 -6.69 6.99 -13.79
C TRP A 60 -6.41 8.35 -13.23
N GLY A 61 -5.19 8.51 -12.75
CA GLY A 61 -4.76 9.89 -12.39
C GLY A 61 -4.97 10.24 -10.93
N LEU A 62 -5.45 9.28 -10.14
CA LEU A 62 -5.61 9.54 -8.68
C LEU A 62 -4.47 8.99 -7.84
N VAL A 63 -4.19 9.55 -6.65
CA VAL A 63 -3.23 8.87 -5.79
C VAL A 63 -3.64 7.38 -5.60
N HIS A 64 -2.67 6.49 -5.70
CA HIS A 64 -2.94 5.02 -5.67
C HIS A 64 -3.36 4.67 -4.21
N GLY A 65 -4.36 3.81 -4.03
CA GLY A 65 -4.75 3.34 -2.70
C GLY A 65 -3.55 2.79 -1.95
N GLY A 66 -2.68 2.08 -2.67
CA GLY A 66 -1.44 1.54 -2.11
C GLY A 66 -0.50 2.60 -1.57
N ALA A 67 -0.55 3.81 -2.12
CA ALA A 67 0.37 4.82 -1.60
C ALA A 67 -0.06 5.31 -0.21
N TYR A 68 -1.35 5.52 -0.01
CA TYR A 68 -1.81 5.83 1.34
C TYR A 68 -1.46 4.66 2.26
N CYS A 69 -1.70 3.41 1.85
CA CYS A 69 -1.39 2.27 2.73
C CYS A 69 0.10 2.32 3.10
N ALA A 70 0.96 2.68 2.15
CA ALA A 70 2.41 2.52 2.35
C ALA A 70 2.89 3.63 3.29
N LEU A 71 2.26 4.76 3.14
CA LEU A 71 2.72 5.94 3.91
C LEU A 71 2.35 5.67 5.38
N ALA A 72 1.12 5.26 5.63
CA ALA A 72 0.68 4.82 6.95
C ALA A 72 1.57 3.70 7.50
N GLU A 73 1.82 2.67 6.68
CA GLU A 73 2.65 1.56 7.10
C GLU A 73 4.04 1.98 7.58
N MET A 74 4.79 2.70 6.75
CA MET A 74 6.13 3.20 7.12
C MET A 74 6.06 4.05 8.38
N LEU A 75 5.12 5.00 8.40
CA LEU A 75 5.10 5.96 9.51
C LEU A 75 4.85 5.25 10.87
N ALA A 76 3.87 4.35 10.90
CA ALA A 76 3.45 3.66 12.13
C ALA A 76 4.57 2.69 12.51
N ALA A 77 5.13 1.98 11.55
CA ALA A 77 6.20 1.06 11.89
C ALA A 77 7.44 1.77 12.40
N GLU A 78 7.83 2.83 11.70
CA GLU A 78 9.08 3.49 12.05
C GLU A 78 8.91 4.27 13.36
N ALA A 79 7.71 4.79 13.59
CA ALA A 79 7.43 5.45 14.87
C ALA A 79 7.58 4.48 16.05
N THR A 80 7.24 3.21 15.83
CA THR A 80 7.44 2.15 16.82
C THR A 80 8.93 1.81 16.93
N VAL A 81 9.58 1.64 15.78
CA VAL A 81 11.01 1.40 15.70
C VAL A 81 11.77 2.44 16.53
N ALA A 82 11.40 3.70 16.38
CA ALA A 82 12.11 4.77 17.07
C ALA A 82 12.17 4.45 18.57
N VAL A 83 11.16 3.78 19.11
CA VAL A 83 11.13 3.52 20.54
C VAL A 83 11.74 2.19 20.89
N VAL A 84 11.40 1.14 20.15
CA VAL A 84 11.72 -0.19 20.60
C VAL A 84 13.07 -0.75 20.14
N HIS A 85 13.69 -0.15 19.13
CA HIS A 85 14.91 -0.73 18.53
C HIS A 85 16.04 -0.80 19.57
N GLU A 86 16.25 0.30 20.27
CA GLU A 86 17.24 0.37 21.32
C GLU A 86 16.85 -0.52 22.50
N LYS A 87 15.66 -1.09 22.51
CA LYS A 87 15.35 -2.04 23.56
C LYS A 87 15.52 -3.46 23.07
N GLY A 88 16.17 -3.66 21.93
CA GLY A 88 16.37 -5.03 21.42
C GLY A 88 15.20 -5.63 20.64
N MET A 89 14.18 -4.83 20.33
CA MET A 89 12.98 -5.35 19.63
C MET A 89 12.99 -5.01 18.13
N MET A 90 12.29 -5.79 17.32
CA MET A 90 11.98 -5.27 15.99
C MET A 90 10.49 -4.97 15.95
N ALA A 91 10.07 -4.23 14.93
CA ALA A 91 8.68 -3.80 14.82
C ALA A 91 8.35 -3.94 13.36
N VAL A 92 7.39 -4.81 13.04
CA VAL A 92 6.95 -5.00 11.67
C VAL A 92 5.41 -4.89 11.57
N GLY A 93 4.93 -4.47 10.41
CA GLY A 93 3.47 -4.32 10.23
C GLY A 93 2.86 -5.70 10.34
N GLN A 94 1.76 -5.82 11.07
CA GLN A 94 1.07 -7.10 11.14
C GLN A 94 -0.30 -6.98 10.45
N SER A 95 -0.90 -5.80 10.52
CA SER A 95 -2.23 -5.57 9.91
C SER A 95 -2.29 -4.10 9.51
N ASN A 96 -2.85 -3.84 8.33
CA ASN A 96 -2.99 -2.47 7.82
C ASN A 96 -4.39 -2.45 7.20
N HIS A 97 -5.26 -1.65 7.81
CA HIS A 97 -6.62 -1.44 7.27
C HIS A 97 -6.81 0.01 6.93
N THR A 98 -6.83 0.28 5.63
CA THR A 98 -6.98 1.64 5.12
C THR A 98 -8.32 1.73 4.42
N SER A 99 -9.01 2.81 4.76
CA SER A 99 -10.30 3.09 4.14
C SER A 99 -10.18 4.41 3.40
N PHE A 100 -10.81 4.48 2.22
CA PHE A 100 -10.65 5.65 1.33
C PHE A 100 -11.91 6.50 1.23
N PHE A 101 -11.84 7.77 1.64
CA PHE A 101 -13.04 8.61 1.69
C PHE A 101 -13.15 9.61 0.53
N ARG A 102 -12.01 10.19 0.11
CA ARG A 102 -11.98 11.15 -0.99
C ARG A 102 -10.67 10.96 -1.76
N PRO A 103 -10.73 11.05 -3.10
CA PRO A 103 -9.48 10.87 -3.88
C PRO A 103 -8.60 12.09 -3.77
N VAL A 104 -7.30 11.93 -3.98
CA VAL A 104 -6.41 13.09 -4.06
C VAL A 104 -5.87 13.03 -5.49
N LYS A 105 -5.88 14.18 -6.16
CA LYS A 105 -5.38 14.23 -7.53
C LYS A 105 -4.01 14.87 -7.56
N GLU A 106 -3.75 15.84 -6.68
CA GLU A 106 -2.45 16.49 -6.75
C GLU A 106 -2.19 17.20 -5.42
N GLY A 107 -1.02 17.82 -5.30
CA GLY A 107 -0.66 18.57 -4.12
C GLY A 107 0.22 17.65 -3.29
N HIS A 108 -0.13 17.49 -2.01
CA HIS A 108 0.52 16.56 -1.09
C HIS A 108 -0.48 15.62 -0.41
N VAL A 109 0.04 14.52 0.12
CA VAL A 109 -0.70 13.75 1.13
C VAL A 109 0.06 13.89 2.44
N ARG A 110 -0.67 14.20 3.51
CA ARG A 110 -0.04 14.48 4.80
C ARG A 110 -0.64 13.51 5.82
N ALA A 111 0.24 12.76 6.48
CA ALA A 111 -0.16 11.65 7.33
C ALA A 111 0.13 12.04 8.77
N GLU A 112 -0.87 11.86 9.63
CA GLU A 112 -0.61 12.02 11.06
C GLU A 112 -0.93 10.71 11.75
N ALA A 113 0.05 10.14 12.48
CA ALA A 113 -0.10 8.85 13.16
C ALA A 113 -0.21 9.12 14.66
N VAL A 114 -1.26 8.60 15.31
CA VAL A 114 -1.44 8.79 16.75
C VAL A 114 -1.44 7.42 17.41
N ARG A 115 -0.59 7.24 18.42
CA ARG A 115 -0.57 5.93 19.08
C ARG A 115 -1.75 5.71 20.01
N ILE A 116 -2.43 4.58 19.93
CA ILE A 116 -3.62 4.43 20.80
C ILE A 116 -3.49 3.27 21.75
N HIS A 117 -2.52 2.41 21.48
CA HIS A 117 -2.28 1.27 22.38
C HIS A 117 -0.82 0.87 22.19
N ALA A 118 -0.14 0.60 23.30
CA ALA A 118 1.23 0.16 23.24
C ALA A 118 1.33 -1.08 24.11
N GLY A 119 1.08 -2.26 23.56
CA GLY A 119 1.17 -3.43 24.41
C GLY A 119 2.57 -4.01 24.35
N SER A 120 2.79 -5.17 24.97
CA SER A 120 4.12 -5.73 24.90
C SER A 120 4.38 -6.45 23.57
N THR A 121 3.34 -6.85 22.86
CA THR A 121 3.59 -7.54 21.61
C THR A 121 3.05 -6.76 20.41
N THR A 122 2.20 -5.76 20.64
CA THR A 122 1.45 -5.10 19.57
C THR A 122 1.27 -3.63 19.94
N TRP A 123 1.62 -2.73 19.01
CA TRP A 123 1.31 -1.33 19.16
C TRP A 123 0.30 -1.00 18.06
N PHE A 124 -0.61 -0.11 18.35
CA PHE A 124 -1.67 0.22 17.40
C PHE A 124 -1.67 1.72 17.18
N TRP A 125 -1.69 2.11 15.90
CA TRP A 125 -1.63 3.53 15.54
C TRP A 125 -2.83 3.85 14.64
N ASP A 126 -3.44 5.01 14.86
CA ASP A 126 -4.45 5.56 13.94
C ASP A 126 -3.75 6.59 13.11
N VAL A 127 -3.84 6.43 11.80
CA VAL A 127 -3.22 7.33 10.85
C VAL A 127 -4.30 8.04 10.03
N SER A 128 -4.28 9.37 10.06
CA SER A 128 -5.11 10.19 9.16
C SER A 128 -4.26 10.65 7.98
N LEU A 129 -4.84 10.64 6.77
CA LEU A 129 -4.14 11.09 5.56
C LEU A 129 -4.99 12.21 4.95
N ARG A 130 -4.46 13.43 4.94
CA ARG A 130 -5.25 14.58 4.53
C ARG A 130 -4.65 15.18 3.25
N ASP A 131 -5.49 15.89 2.50
CA ASP A 131 -5.03 16.61 1.33
C ASP A 131 -4.65 18.05 1.73
N ASP A 132 -4.24 18.85 0.74
CA ASP A 132 -3.67 20.16 1.03
C ASP A 132 -4.72 21.11 1.61
N ALA A 133 -5.99 20.83 1.40
CA ALA A 133 -7.03 21.67 1.97
C ALA A 133 -7.38 21.20 3.39
N GLY A 134 -6.66 20.22 3.90
CA GLY A 134 -6.99 19.69 5.22
C GLY A 134 -8.08 18.63 5.28
N ARG A 135 -8.64 18.21 4.15
CA ARG A 135 -9.74 17.24 4.17
C ARG A 135 -9.25 15.82 4.43
N LEU A 136 -10.07 15.04 5.12
CA LEU A 136 -9.67 13.69 5.53
C LEU A 136 -9.95 12.84 4.29
N CYS A 137 -8.92 12.38 3.57
CA CYS A 137 -9.10 11.61 2.34
C CYS A 137 -9.00 10.12 2.57
N ALA A 138 -8.21 9.71 3.57
CA ALA A 138 -8.12 8.28 3.92
C ALA A 138 -7.71 8.12 5.39
N VAL A 139 -8.02 6.96 5.98
CA VAL A 139 -7.49 6.66 7.32
C VAL A 139 -6.93 5.26 7.32
N SER A 140 -5.99 4.98 8.21
CA SER A 140 -5.44 3.65 8.24
C SER A 140 -5.34 3.25 9.72
N SER A 141 -5.86 2.06 10.04
CA SER A 141 -5.59 1.48 11.36
C SER A 141 -4.43 0.49 11.26
N MET A 142 -3.33 0.77 11.94
CA MET A 142 -2.06 0.06 11.74
C MET A 142 -1.83 -0.76 13.02
N SER A 143 -1.68 -2.08 12.92
CA SER A 143 -1.29 -2.89 14.05
C SER A 143 0.17 -3.27 13.77
N ILE A 144 1.07 -3.02 14.73
CA ILE A 144 2.50 -3.26 14.52
C ILE A 144 2.94 -4.32 15.52
N ALA A 145 3.46 -5.46 15.06
CA ALA A 145 3.97 -6.53 15.93
C ALA A 145 5.33 -6.11 16.45
N VAL A 146 5.53 -6.27 17.75
CA VAL A 146 6.84 -5.97 18.36
C VAL A 146 7.37 -7.31 18.87
N ARG A 147 8.60 -7.67 18.50
CA ARG A 147 9.14 -8.99 18.81
C ARG A 147 10.63 -8.80 19.08
N PRO A 148 11.25 -9.76 19.79
CA PRO A 148 12.70 -9.60 19.99
C PRO A 148 13.45 -9.75 18.66
N ARG A 149 14.45 -8.91 18.41
CA ARG A 149 15.31 -9.06 17.23
C ARG A 149 16.07 -10.39 17.23
N ARG A 150 16.12 -11.05 16.08
CA ARG A 150 16.75 -12.38 15.99
C ARG A 150 18.28 -12.32 16.05
N ASP A 151 18.84 -11.21 15.55
CA ASP A 151 20.19 -10.79 15.93
C ASP A 151 20.14 -9.29 16.23
N GLY B 12 0.59 -3.48 -21.02
CA GLY B 12 1.38 -2.47 -20.21
C GLY B 12 2.06 -3.17 -19.04
N GLY B 13 1.39 -3.18 -17.89
CA GLY B 13 1.42 -4.35 -17.01
C GLY B 13 0.23 -5.20 -17.40
N ASN B 14 -0.20 -5.07 -18.65
CA ASN B 14 -1.33 -5.87 -19.13
C ASN B 14 -2.65 -5.50 -18.40
N LEU B 15 -2.79 -4.24 -17.99
CA LEU B 15 -4.06 -3.83 -17.39
C LEU B 15 -5.21 -3.85 -18.40
N PRO B 16 -6.45 -3.99 -17.94
CA PRO B 16 -7.58 -4.23 -18.86
C PRO B 16 -7.67 -3.06 -19.83
N ASP B 17 -7.77 -3.36 -21.12
CA ASP B 17 -7.84 -2.25 -22.04
C ASP B 17 -9.26 -1.75 -22.28
N VAL B 18 -9.68 -0.74 -21.52
CA VAL B 18 -11.07 -0.35 -21.48
C VAL B 18 -11.31 1.06 -22.01
N ALA B 19 -10.25 1.83 -22.21
CA ALA B 19 -10.40 3.22 -22.68
C ALA B 19 -9.33 3.56 -23.70
N SER B 20 -9.60 4.55 -24.54
CA SER B 20 -8.58 4.97 -25.51
C SER B 20 -7.50 5.85 -24.91
N HIS B 21 -7.82 6.61 -23.87
CA HIS B 21 -6.77 7.39 -23.22
C HIS B 21 -6.78 7.16 -21.71
N TYR B 22 -5.61 7.13 -21.08
CA TYR B 22 -5.55 7.12 -19.64
C TYR B 22 -4.77 8.32 -19.16
N PRO B 23 -5.21 8.91 -18.05
CA PRO B 23 -4.47 10.06 -17.52
C PRO B 23 -3.00 9.78 -17.26
N VAL B 24 -2.59 8.60 -16.80
CA VAL B 24 -1.17 8.44 -16.51
C VAL B 24 -0.64 7.20 -17.23
N ALA B 25 0.47 7.28 -17.96
CA ALA B 25 1.04 6.11 -18.62
C ALA B 25 1.49 5.05 -17.63
N TYR B 26 1.33 3.77 -17.96
CA TYR B 26 1.74 2.70 -17.04
C TYR B 26 3.12 2.91 -16.42
N GLU B 27 4.11 3.21 -17.26
CA GLU B 27 5.48 3.11 -16.83
C GLU B 27 5.66 4.24 -15.81
N GLN B 28 4.83 5.27 -15.81
CA GLN B 28 5.03 6.37 -14.84
C GLN B 28 4.23 6.23 -13.51
N THR B 29 3.19 5.43 -13.51
CA THR B 29 2.36 5.21 -12.31
C THR B 29 3.17 4.50 -11.24
N LEU B 30 2.62 4.40 -10.05
CA LEU B 30 3.29 3.59 -9.02
C LEU B 30 3.38 2.15 -9.52
N ASP B 31 2.31 1.69 -10.15
CA ASP B 31 2.29 0.29 -10.63
C ASP B 31 3.46 -0.02 -11.55
N GLY B 32 3.66 0.82 -12.57
CA GLY B 32 4.76 0.59 -13.48
C GLY B 32 6.11 0.85 -12.86
N THR B 33 6.15 1.79 -11.93
CA THR B 33 7.41 2.07 -11.31
C THR B 33 7.92 0.86 -10.51
N VAL B 34 7.06 0.15 -9.79
CA VAL B 34 7.52 -0.98 -8.99
C VAL B 34 7.47 -2.24 -9.82
N GLY B 35 6.77 -2.19 -10.94
CA GLY B 35 6.72 -3.37 -11.83
C GLY B 35 5.62 -4.41 -11.75
N PHE B 36 4.43 -4.02 -11.30
CA PHE B 36 3.29 -4.95 -11.29
C PHE B 36 2.83 -5.41 -12.68
N VAL B 37 2.57 -6.69 -12.89
CA VAL B 37 2.08 -7.13 -14.18
C VAL B 37 0.88 -8.09 -13.96
N ILE B 38 -0.25 -7.85 -14.64
CA ILE B 38 -1.41 -8.74 -14.51
C ILE B 38 -1.14 -9.91 -15.44
N ASP B 39 -1.40 -11.13 -14.96
CA ASP B 39 -1.23 -12.37 -15.74
CA ASP B 39 -1.21 -12.34 -15.72
C ASP B 39 -2.60 -12.76 -16.23
N GLU B 40 -3.48 -13.22 -15.35
CA GLU B 40 -4.82 -13.65 -15.78
C GLU B 40 -5.90 -12.68 -15.30
N MET B 41 -6.99 -12.59 -16.03
CA MET B 41 -8.11 -11.78 -15.57
C MET B 41 -9.41 -12.36 -16.13
N THR B 42 -10.34 -12.70 -15.24
CA THR B 42 -11.71 -13.01 -15.60
C THR B 42 -12.63 -12.29 -14.62
N PRO B 43 -13.94 -12.32 -14.88
CA PRO B 43 -14.81 -11.57 -14.00
C PRO B 43 -14.70 -12.04 -12.55
N GLU B 44 -14.36 -13.30 -12.33
CA GLU B 44 -14.38 -13.83 -10.98
C GLU B 44 -13.01 -14.08 -10.34
N ARG B 45 -11.94 -13.91 -11.12
CA ARG B 45 -10.64 -14.32 -10.64
C ARG B 45 -9.55 -13.66 -11.48
N ALA B 46 -8.54 -13.10 -10.82
CA ALA B 46 -7.43 -12.41 -11.51
C ALA B 46 -6.12 -12.65 -10.79
N THR B 47 -5.01 -12.55 -11.51
CA THR B 47 -3.72 -12.87 -10.89
C THR B 47 -2.77 -11.81 -11.38
N ALA B 48 -1.76 -11.55 -10.57
CA ALA B 48 -0.71 -10.61 -10.94
C ALA B 48 0.55 -10.91 -10.16
N SER B 49 1.64 -10.28 -10.58
CA SER B 49 2.89 -10.57 -9.92
C SER B 49 3.91 -9.45 -10.11
N VAL B 50 4.98 -9.51 -9.32
CA VAL B 50 6.01 -8.49 -9.33
C VAL B 50 7.34 -9.11 -8.94
N GLU B 51 8.41 -8.71 -9.62
CA GLU B 51 9.74 -9.03 -9.12
C GLU B 51 10.10 -8.18 -7.92
N VAL B 52 10.65 -8.81 -6.87
CA VAL B 52 11.24 -7.99 -5.81
C VAL B 52 12.51 -7.26 -6.30
N THR B 53 12.57 -5.95 -6.10
CA THR B 53 13.77 -5.15 -6.35
C THR B 53 13.82 -4.25 -5.13
N ASP B 54 14.85 -3.44 -4.99
CA ASP B 54 14.86 -2.51 -3.87
C ASP B 54 13.70 -1.51 -3.86
N THR B 55 13.19 -1.21 -5.05
CA THR B 55 12.07 -0.28 -5.19
C THR B 55 10.84 -0.86 -4.49
N LEU B 56 10.76 -2.19 -4.36
CA LEU B 56 9.64 -2.84 -3.64
C LEU B 56 9.92 -3.00 -2.15
N ARG B 57 11.14 -2.62 -1.72
CA ARG B 57 11.58 -2.93 -0.36
C ARG B 57 11.49 -1.70 0.55
N GLN B 58 11.57 -1.96 1.84
CA GLN B 58 11.83 -0.88 2.78
C GLN B 58 13.30 -0.98 3.22
N ARG B 59 13.72 -0.08 4.11
CA ARG B 59 15.14 0.03 4.38
C ARG B 59 15.73 -1.10 5.18
N TRP B 60 14.91 -1.88 5.87
CA TRP B 60 15.34 -3.14 6.46
C TRP B 60 15.48 -4.32 5.51
N GLY B 61 15.17 -4.12 4.23
CA GLY B 61 15.44 -5.13 3.20
C GLY B 61 14.30 -6.11 2.95
N LEU B 62 13.14 -5.92 3.58
CA LEU B 62 11.95 -6.77 3.34
C LEU B 62 11.04 -6.04 2.34
N VAL B 63 10.20 -6.80 1.63
CA VAL B 63 9.15 -6.17 0.83
C VAL B 63 8.30 -5.23 1.72
N HIS B 64 8.02 -4.02 1.23
CA HIS B 64 7.32 -3.01 2.02
C HIS B 64 5.89 -3.52 2.23
N GLY B 65 5.35 -3.30 3.42
CA GLY B 65 3.92 -3.69 3.65
C GLY B 65 3.04 -3.02 2.62
N GLY B 66 3.34 -1.76 2.31
CA GLY B 66 2.60 -1.06 1.25
C GLY B 66 2.65 -1.68 -0.13
N ALA B 67 3.71 -2.43 -0.45
CA ALA B 67 3.76 -3.12 -1.74
C ALA B 67 2.68 -4.18 -1.88
N TYR B 68 2.51 -5.01 -0.84
CA TYR B 68 1.44 -6.03 -0.86
C TYR B 68 0.09 -5.30 -0.98
N CYS B 69 -0.11 -4.22 -0.23
CA CYS B 69 -1.42 -3.52 -0.19
C CYS B 69 -1.66 -3.00 -1.62
N ALA B 70 -0.60 -2.52 -2.30
CA ALA B 70 -0.77 -1.76 -3.56
C ALA B 70 -1.04 -2.79 -4.64
N LEU B 71 -0.44 -3.98 -4.51
CA LEU B 71 -0.65 -5.06 -5.49
C LEU B 71 -2.10 -5.56 -5.46
N ALA B 72 -2.56 -5.85 -4.25
CA ALA B 72 -3.95 -6.18 -3.99
C ALA B 72 -4.88 -5.08 -4.47
N GLU B 73 -4.57 -3.83 -4.14
CA GLU B 73 -5.47 -2.77 -4.57
C GLU B 73 -5.64 -2.66 -6.09
N MET B 74 -4.56 -2.77 -6.87
CA MET B 74 -4.66 -2.54 -8.31
C MET B 74 -5.33 -3.77 -8.91
N LEU B 75 -5.02 -4.91 -8.33
CA LEU B 75 -5.55 -6.16 -8.99
C LEU B 75 -7.09 -6.20 -8.79
N ALA B 76 -7.56 -6.09 -7.55
CA ALA B 76 -8.98 -6.05 -7.24
C ALA B 76 -9.68 -4.92 -7.96
N ALA B 77 -9.16 -3.69 -7.84
CA ALA B 77 -9.82 -2.62 -8.57
C ALA B 77 -9.89 -2.82 -10.08
N GLU B 78 -8.77 -3.14 -10.72
CA GLU B 78 -8.80 -3.29 -12.18
C GLU B 78 -9.60 -4.52 -12.60
N ALA B 79 -9.65 -5.57 -11.77
CA ALA B 79 -10.49 -6.71 -12.20
C ALA B 79 -11.98 -6.32 -12.17
N THR B 80 -12.31 -5.34 -11.33
CA THR B 80 -13.66 -4.78 -11.32
C THR B 80 -13.90 -3.84 -12.51
N VAL B 81 -12.94 -2.94 -12.75
CA VAL B 81 -12.95 -2.04 -13.92
C VAL B 81 -13.19 -2.89 -15.19
N ALA B 82 -12.55 -4.06 -15.28
CA ALA B 82 -12.62 -4.86 -16.51
C ALA B 82 -14.06 -5.22 -16.82
N VAL B 83 -14.89 -5.43 -15.80
CA VAL B 83 -16.30 -5.74 -16.02
C VAL B 83 -17.17 -4.50 -16.16
N VAL B 84 -16.97 -3.55 -15.26
CA VAL B 84 -17.94 -2.48 -15.10
C VAL B 84 -17.71 -1.22 -15.95
N HIS B 85 -16.51 -1.04 -16.49
CA HIS B 85 -16.24 0.19 -17.21
C HIS B 85 -17.16 0.32 -18.42
N GLU B 86 -17.31 -0.76 -19.17
CA GLU B 86 -18.17 -0.68 -20.36
C GLU B 86 -19.63 -0.48 -19.98
N LYS B 87 -20.00 -0.84 -18.77
CA LYS B 87 -21.36 -0.57 -18.31
C LYS B 87 -21.55 0.85 -17.81
N GLY B 88 -20.60 1.72 -18.10
CA GLY B 88 -20.74 3.11 -17.63
C GLY B 88 -20.37 3.42 -16.19
N MET B 89 -19.76 2.48 -15.48
CA MET B 89 -19.49 2.62 -14.04
C MET B 89 -18.01 2.88 -13.85
N MET B 90 -17.66 3.52 -12.74
CA MET B 90 -16.26 3.55 -12.31
C MET B 90 -16.14 2.65 -11.09
N ALA B 91 -14.93 2.17 -10.85
CA ALA B 91 -14.62 1.34 -9.71
C ALA B 91 -13.38 1.87 -8.99
N VAL B 92 -13.53 2.16 -7.70
CA VAL B 92 -12.43 2.68 -6.92
C VAL B 92 -12.25 1.86 -5.63
N GLY B 93 -11.03 1.73 -5.12
CA GLY B 93 -10.91 1.10 -3.81
C GLY B 93 -11.67 1.86 -2.72
N GLN B 94 -12.46 1.16 -1.91
CA GLN B 94 -13.07 1.79 -0.73
C GLN B 94 -12.43 1.37 0.60
N SER B 95 -12.05 0.10 0.71
CA SER B 95 -11.34 -0.39 1.87
C SER B 95 -10.32 -1.42 1.44
N ASN B 96 -9.18 -1.40 2.12
CA ASN B 96 -8.12 -2.36 1.87
C ASN B 96 -7.63 -2.82 3.25
N HIS B 97 -7.89 -4.10 3.57
CA HIS B 97 -7.32 -4.64 4.79
C HIS B 97 -6.32 -5.73 4.52
N THR B 98 -5.03 -5.43 4.72
CA THR B 98 -4.03 -6.42 4.38
C THR B 98 -3.42 -6.89 5.71
N SER B 99 -3.26 -8.19 5.85
CA SER B 99 -2.58 -8.73 7.04
C SER B 99 -1.33 -9.52 6.62
N PHE B 100 -0.27 -9.41 7.42
CA PHE B 100 1.08 -9.84 7.03
C PHE B 100 1.53 -11.04 7.85
N PHE B 101 1.73 -12.17 7.19
CA PHE B 101 2.02 -13.38 7.94
C PHE B 101 3.48 -13.79 7.88
N ARG B 102 4.16 -13.50 6.77
CA ARG B 102 5.54 -13.97 6.62
C ARG B 102 6.24 -12.98 5.71
N PRO B 103 7.45 -12.56 6.08
CA PRO B 103 8.00 -11.54 5.22
C PRO B 103 8.57 -12.12 3.92
N VAL B 104 8.88 -11.24 2.98
CA VAL B 104 9.50 -11.65 1.73
C VAL B 104 10.74 -10.77 1.63
N LYS B 105 11.88 -11.39 1.37
CA LYS B 105 13.12 -10.65 1.24
C LYS B 105 13.59 -10.54 -0.21
N GLU B 106 13.25 -11.51 -1.08
CA GLU B 106 13.69 -11.40 -2.47
C GLU B 106 12.83 -12.36 -3.27
N GLY B 107 12.92 -12.30 -4.60
CA GLY B 107 12.27 -13.25 -5.50
C GLY B 107 11.12 -12.48 -6.15
N HIS B 108 9.88 -12.88 -5.83
CA HIS B 108 8.66 -12.35 -6.46
C HIS B 108 7.58 -12.30 -5.38
N VAL B 109 6.51 -11.57 -5.68
CA VAL B 109 5.30 -11.71 -4.88
C VAL B 109 4.22 -11.94 -5.91
N ARG B 110 3.44 -13.01 -5.73
CA ARG B 110 2.37 -13.39 -6.66
C ARG B 110 1.00 -13.21 -6.01
N ALA B 111 0.10 -12.49 -6.67
CA ALA B 111 -1.22 -12.24 -6.06
C ALA B 111 -2.31 -12.96 -6.84
N GLU B 112 -3.26 -13.55 -6.11
CA GLU B 112 -4.45 -14.11 -6.71
C GLU B 112 -5.67 -13.48 -6.00
N ALA B 113 -6.55 -12.86 -6.79
CA ALA B 113 -7.75 -12.18 -6.30
C ALA B 113 -8.92 -13.07 -6.71
N VAL B 114 -9.73 -13.45 -5.73
CA VAL B 114 -10.92 -14.24 -6.00
C VAL B 114 -12.12 -13.37 -5.60
N ARG B 115 -13.05 -13.15 -6.52
CA ARG B 115 -14.23 -12.34 -6.20
C ARG B 115 -15.20 -13.12 -5.33
N ILE B 116 -15.62 -12.55 -4.21
CA ILE B 116 -16.54 -13.31 -3.36
C ILE B 116 -17.93 -12.70 -3.27
N HIS B 117 -18.03 -11.43 -3.64
CA HIS B 117 -19.32 -10.75 -3.73
C HIS B 117 -19.31 -9.67 -4.81
N ALA B 118 -20.39 -9.57 -5.57
CA ALA B 118 -20.45 -8.63 -6.68
C ALA B 118 -21.77 -7.90 -6.50
N GLY B 119 -21.83 -6.86 -5.68
CA GLY B 119 -23.13 -6.21 -5.47
C GLY B 119 -23.29 -5.04 -6.42
N SER B 120 -24.42 -4.36 -6.36
CA SER B 120 -24.64 -3.28 -7.30
C SER B 120 -23.71 -2.10 -6.99
N THR B 121 -23.34 -1.93 -5.73
CA THR B 121 -22.49 -0.77 -5.35
C THR B 121 -21.10 -1.11 -4.81
N THR B 122 -20.88 -2.39 -4.51
CA THR B 122 -19.66 -2.91 -3.88
C THR B 122 -19.30 -4.30 -4.38
N TRP B 123 -18.06 -4.52 -4.80
CA TRP B 123 -17.57 -5.86 -5.13
C TRP B 123 -16.52 -6.13 -4.07
N PHE B 124 -16.46 -7.39 -3.67
CA PHE B 124 -15.45 -7.79 -2.68
C PHE B 124 -14.58 -8.90 -3.21
N TRP B 125 -13.29 -8.69 -3.03
CA TRP B 125 -12.25 -9.61 -3.48
C TRP B 125 -11.34 -10.07 -2.34
N ASP B 126 -11.16 -11.39 -2.22
CA ASP B 126 -10.09 -11.93 -1.38
C ASP B 126 -8.78 -12.07 -2.16
N VAL B 127 -7.71 -11.45 -1.68
CA VAL B 127 -6.44 -11.54 -2.41
C VAL B 127 -5.40 -12.29 -1.59
N SER B 128 -4.76 -13.32 -2.17
CA SER B 128 -3.70 -14.05 -1.47
C SER B 128 -2.34 -13.65 -2.10
N LEU B 129 -1.34 -13.29 -1.27
CA LEU B 129 0.00 -12.86 -1.72
C LEU B 129 1.04 -13.93 -1.29
N ARG B 130 1.66 -14.57 -2.29
CA ARG B 130 2.52 -15.74 -2.07
C ARG B 130 3.94 -15.46 -2.57
N ASP B 131 4.91 -16.09 -1.89
CA ASP B 131 6.31 -15.98 -2.28
C ASP B 131 6.67 -17.06 -3.29
N ASP B 132 7.94 -17.11 -3.68
CA ASP B 132 8.38 -18.02 -4.72
C ASP B 132 8.25 -19.50 -4.33
N ALA B 133 8.24 -19.78 -3.03
CA ALA B 133 7.96 -21.14 -2.54
C ALA B 133 6.48 -21.47 -2.41
N GLY B 134 5.59 -20.56 -2.79
CA GLY B 134 4.14 -20.77 -2.68
C GLY B 134 3.55 -20.50 -1.31
N ARG B 135 4.35 -19.97 -0.39
CA ARG B 135 3.90 -19.79 0.98
C ARG B 135 3.02 -18.54 1.08
N LEU B 136 1.99 -18.57 1.91
CA LEU B 136 1.10 -17.43 2.06
C LEU B 136 1.74 -16.35 2.93
N CYS B 137 2.16 -15.26 2.31
CA CYS B 137 2.90 -14.22 3.05
C CYS B 137 1.99 -13.09 3.52
N ALA B 138 0.93 -12.83 2.76
CA ALA B 138 -0.03 -11.84 3.17
C ALA B 138 -1.37 -12.09 2.50
N VAL B 139 -2.43 -11.51 3.06
CA VAL B 139 -3.76 -11.51 2.46
C VAL B 139 -4.36 -10.12 2.51
N SER B 140 -5.26 -9.83 1.57
CA SER B 140 -5.88 -8.51 1.55
C SER B 140 -7.35 -8.73 1.27
N SER B 141 -8.21 -8.10 2.08
CA SER B 141 -9.65 -8.12 1.82
C SER B 141 -9.94 -6.78 1.18
N MET B 142 -10.28 -6.82 -0.11
CA MET B 142 -10.45 -5.60 -0.89
C MET B 142 -11.94 -5.35 -1.09
N SER B 143 -12.36 -4.14 -0.73
CA SER B 143 -13.72 -3.71 -1.01
C SER B 143 -13.68 -2.60 -2.06
N ILE B 144 -14.39 -2.80 -3.17
CA ILE B 144 -14.29 -1.92 -4.34
C ILE B 144 -15.65 -1.25 -4.55
N ALA B 145 -15.70 0.08 -4.50
CA ALA B 145 -16.95 0.82 -4.68
C ALA B 145 -17.24 0.97 -6.16
N VAL B 146 -18.47 0.73 -6.57
CA VAL B 146 -18.80 0.83 -7.97
C VAL B 146 -19.91 1.88 -8.08
N ARG B 147 -19.68 2.92 -8.88
CA ARG B 147 -20.51 4.13 -8.97
C ARG B 147 -20.70 4.52 -10.44
N PRO B 148 -21.83 5.15 -10.76
CA PRO B 148 -22.00 5.65 -12.13
C PRO B 148 -20.87 6.61 -12.45
N ARG B 149 -20.26 6.48 -13.63
CA ARG B 149 -19.16 7.36 -14.02
C ARG B 149 -19.66 8.79 -14.12
N ARG B 150 -18.87 9.75 -13.65
CA ARG B 150 -19.33 11.12 -13.62
C ARG B 150 -19.02 11.68 -15.00
N ASP B 151 -19.97 12.43 -15.56
CA ASP B 151 -19.80 12.91 -16.93
C ASP B 151 -18.30 13.06 -17.22
N1A 4CO C . 12.51 -11.70 13.95
C2A 4CO C . 12.56 -11.85 12.61
N3A 4CO C . 11.58 -12.48 11.94
C4A 4CO C . 10.51 -12.97 12.61
C5A 4CO C . 10.43 -12.83 14.00
C6A 4CO C . 11.47 -12.18 14.66
N6A 4CO C . 11.41 -12.05 16.01
N7A 4CO C . 9.28 -13.41 14.41
C8A 4CO C . 8.66 -13.89 13.30
N9A 4CO C . 9.40 -13.61 12.21
C1D 4CO C . 9.14 -13.94 10.78
C2D 4CO C . 9.94 -15.17 10.45
O2D 4CO C . 10.26 -15.02 9.06
C3D 4CO C . 8.88 -16.25 10.60
O3D 4CO C . 9.20 -17.41 9.84
P3D 4CO C . 10.26 -18.38 10.57
O7A 4CO C . 11.62 -17.88 10.14
O8A 4CO C . 10.10 -18.18 12.06
O9A 4CO C . 9.79 -19.73 10.03
C4D 4CO C . 7.60 -15.64 10.10
O4D 4CO C . 7.77 -14.29 10.52
C5D 4CO C . 6.39 -16.31 10.78
O5D 4CO C . 6.72 -16.31 12.17
P1A 4CO C . 5.60 -16.45 13.32
O1A 4CO C . 5.94 -15.58 14.54
O2A 4CO C . 5.31 -17.90 13.46
O3A 4CO C . 4.23 -15.90 12.65
P2A 4CO C . 3.33 -14.93 13.60
O4A 4CO C . 2.05 -14.61 12.84
O5A 4CO C . 3.21 -15.64 14.95
O6A 4CO C . 4.35 -13.69 13.82
CBP 4CO C . 4.75 -11.62 12.64
CCP 4CO C . 3.97 -12.33 13.75
CDP 4CO C . 6.09 -11.20 13.21
CEP 4CO C . 3.97 -10.35 12.26
CAP 4CO C . 5.00 -12.47 11.40
OAP 4CO C . 3.69 -12.81 10.99
C9P 4CO C . 5.62 -11.61 10.31
O9P 4CO C . 6.80 -11.30 10.32
N8P 4CO C . 4.87 -11.14 9.31
C7P 4CO C . 5.43 -10.31 8.25
C6P 4CO C . 5.64 -8.85 8.62
C5P 4CO C . 5.88 -7.98 7.41
O5P 4CO C . 6.62 -8.39 6.54
N4P 4CO C . 5.33 -6.76 7.37
C3P 4CO C . 5.71 -5.89 6.25
C2P 4CO C . 7.09 -5.22 6.32
S1P 4CO C . 7.42 -4.36 7.84
O1B 4CO C . 6.33 -2.09 5.55
C1B 4CO C . 6.87 -1.96 6.64
C2B 4CO C . 7.89 -0.87 6.79
C3B 4CO C . 8.10 -0.02 5.71
C4B 4CO C . 9.02 1.02 5.80
C5B 4CO C . 9.76 1.15 6.97
O2B 4CO C . 10.67 2.16 6.99
C6B 4CO C . 9.54 0.33 8.06
C7B 4CO C . 8.61 -0.71 7.97
CB 4CO C . 6.58 -2.82 7.83
N1A 4CO D . -17.53 9.76 -9.62
C2A 4CO D . -16.42 10.47 -9.39
N3A 4CO D . -16.06 10.77 -8.13
C4A 4CO D . -16.82 10.34 -7.09
C5A 4CO D . -17.98 9.61 -7.31
C6A 4CO D . -18.33 9.31 -8.61
N6A 4CO D . -19.46 8.60 -8.91
N7A 4CO D . -18.51 9.34 -6.09
C8A 4CO D . -17.70 9.91 -5.15
N9A 4CO D . -16.67 10.49 -5.77
C1D 4CO D . -15.52 11.21 -5.16
C2D 4CO D . -15.68 12.71 -5.29
O2D 4CO D . -14.35 13.23 -5.12
C3D 4CO D . -16.49 12.97 -4.02
O3D 4CO D . -16.41 14.33 -3.63
P3D 4CO D . -17.45 15.35 -4.32
O7A 4CO D . -18.78 14.63 -4.41
O8A 4CO D . -17.41 16.44 -3.28
O9A 4CO D . -16.84 15.69 -5.66
C4D 4CO D . -15.73 12.16 -2.99
O4D 4CO D . -15.50 10.98 -3.76
C5D 4CO D . -16.61 11.81 -1.81
O5D 4CO D . -17.85 11.46 -2.42
P1A 4CO D . -19.01 10.65 -1.66
O1A 4CO D . -19.79 9.77 -2.63
O2A 4CO D . -19.77 11.53 -0.74
O3A 4CO D . -18.25 9.63 -0.65
P2A 4CO D . -18.81 8.11 -0.46
O4A 4CO D . -18.20 7.52 0.79
O5A 4CO D . -20.32 8.05 -0.69
O6A 4CO D . -18.21 7.53 -1.84
CBP 4CO D . -16.21 6.51 -2.68
CCP 4CO D . -17.49 6.30 -1.87
CDP 4CO D . -16.51 6.64 -4.17
CEP 4CO D . -15.31 5.34 -2.31
CAP 4CO D . -15.56 7.83 -2.26
OAP 4CO D . -15.42 7.77 -0.83
C9P 4CO D . -14.17 7.86 -2.85
O9P 4CO D . -14.10 8.27 -4.01
N8P 4CO D . -13.09 7.51 -2.14
C7P 4CO D . -11.73 7.38 -2.67
C6P 4CO D . -11.47 6.16 -3.55
C5P 4CO D . -9.97 6.16 -3.79
O5P 4CO D . -9.32 7.18 -4.02
N4P 4CO D . -9.35 4.98 -3.79
C3P 4CO D . -7.94 4.77 -4.09
C2P 4CO D . -7.71 4.93 -5.60
S1P 4CO D . -8.66 3.83 -6.62
O1B 4CO D . -5.55 2.41 -5.95
C1B 4CO D . -6.45 2.11 -6.75
C2B 4CO D . -6.09 1.66 -8.12
C3B 4CO D . -4.74 1.49 -8.38
C4B 4CO D . -4.32 1.08 -9.64
C5B 4CO D . -5.28 0.86 -10.64
O2B 4CO D . -4.85 0.47 -11.87
C6B 4CO D . -6.64 1.04 -10.40
C7B 4CO D . -7.05 1.38 -9.11
CB 4CO D . -7.92 2.25 -6.39
#